data_6DXL
#
_entry.id   6DXL
#
_cell.length_a   60.140
_cell.length_b   73.034
_cell.length_c   60.275
_cell.angle_alpha   90.000
_cell.angle_beta   96.080
_cell.angle_gamma   90.000
#
_symmetry.space_group_name_H-M   'P 1 21 1'
#
loop_
_entity.id
_entity.type
_entity.pdbx_description
1 polymer 'Stimulator of interferon protein'
2 non-polymer "1,1'-(butane-1,4-diyl)bis{2-[(1-ethyl-3-methyl-1H-pyrazole-5-carbonyl)amino]-1H-benzimidazole-5-carboxamide}"
3 non-polymer 'CALCIUM ION'
4 water water
#
_entity_poly.entity_id   1
_entity_poly.type   'polypeptide(L)'
_entity_poly.pdbx_seq_one_letter_code
;FNVAHGLAWSYYIGYLRLILPELQARIRTYNQHYNNLLRGAVSQRLYILLPLDCGVPDNLSMADPNIRFLDKLPQQTGDR
AGIKDRVYSNSIYELLENGQRAGTCVLEYATPLQTLFAMSQYSQAGFSREDRLEQAKLFCRTLEDILADAPESQNNCRLI
AYQEPADDSSFSLSQEVLRHLRQEEKEEVTV
;
_entity_poly.pdbx_strand_id   A,B
#
loop_
_chem_comp.id
_chem_comp.type
_chem_comp.name
_chem_comp.formula
CA non-polymer 'CALCIUM ION' 'Ca 2'
HG4 non-polymer 1,1'-(butane-1,4-diyl)bis{2-[(1-ethyl-3-methyl-1H-pyrazole-5-carbonyl)amino]-1H-benzimidazole-5-carboxamide} 'C34 H38 N12 O4'
#
# COMPACT_ATOMS: atom_id res chain seq x y z
N PHE A 1 10.52 -11.70 13.44
CA PHE A 1 9.51 -11.39 12.42
C PHE A 1 8.54 -10.32 12.92
N ASN A 2 8.89 -9.06 12.67
CA ASN A 2 8.06 -7.91 13.03
C ASN A 2 7.55 -7.26 11.75
N VAL A 3 6.30 -7.55 11.39
CA VAL A 3 5.70 -6.92 10.21
C VAL A 3 5.53 -5.42 10.40
N ALA A 4 5.47 -4.96 11.66
CA ALA A 4 5.20 -3.55 11.91
C ALA A 4 6.31 -2.65 11.38
N HIS A 5 7.56 -3.10 11.43
CA HIS A 5 8.66 -2.30 10.88
C HIS A 5 8.39 -1.95 9.42
N GLY A 6 8.20 -2.98 8.60
CA GLY A 6 7.91 -2.75 7.20
C GLY A 6 6.65 -1.93 6.99
N LEU A 7 5.59 -2.24 7.73
CA LEU A 7 4.34 -1.51 7.55
C LEU A 7 4.53 -0.02 7.82
N ALA A 8 5.26 0.32 8.89
CA ALA A 8 5.51 1.73 9.19
C ALA A 8 6.31 2.38 8.08
N TRP A 9 7.45 1.79 7.72
CA TRP A 9 8.29 2.39 6.68
C TRP A 9 7.52 2.56 5.38
N SER A 10 6.65 1.61 5.05
CA SER A 10 5.92 1.70 3.80
C SER A 10 4.86 2.77 3.87
N TYR A 11 4.17 2.88 5.01
CA TYR A 11 3.18 3.92 5.20
C TYR A 11 3.80 5.30 5.03
N TYR A 12 4.99 5.51 5.61
CA TYR A 12 5.64 6.80 5.49
C TYR A 12 6.16 7.04 4.08
N ILE A 13 6.95 6.08 3.57
CA ILE A 13 7.64 6.28 2.30
C ILE A 13 6.66 6.39 1.15
N GLY A 14 5.67 5.50 1.11
CA GLY A 14 4.74 5.44 0.01
C GLY A 14 3.52 6.29 0.13
N TYR A 15 3.28 6.91 1.28
CA TYR A 15 2.07 7.70 1.46
C TYR A 15 2.30 9.03 2.17
N LEU A 16 2.71 9.01 3.44
CA LEU A 16 2.78 10.24 4.21
C LEU A 16 3.76 11.22 3.61
N ARG A 17 4.97 10.73 3.31
CA ARG A 17 6.01 11.54 2.69
C ARG A 17 5.53 12.20 1.40
N LEU A 18 4.44 11.72 0.82
CA LEU A 18 3.92 12.30 -0.42
C LEU A 18 2.84 13.34 -0.15
N ILE A 19 1.83 13.02 0.66
CA ILE A 19 0.69 13.94 0.81
C ILE A 19 0.94 15.06 1.82
N LEU A 20 1.84 14.88 2.80
CA LEU A 20 1.99 15.92 3.82
C LEU A 20 2.50 17.25 3.26
N PRO A 21 3.59 17.29 2.49
CA PRO A 21 4.04 18.56 1.90
C PRO A 21 2.94 19.36 1.25
N GLU A 22 2.14 18.72 0.39
CA GLU A 22 0.99 19.41 -0.20
C GLU A 22 0.04 19.89 0.89
N LEU A 23 -0.20 19.04 1.89
CA LEU A 23 -1.30 19.26 2.83
C LEU A 23 -1.16 20.59 3.55
N GLN A 24 0.04 20.88 4.09
CA GLN A 24 0.19 22.13 4.83
C GLN A 24 -0.42 23.31 4.06
N ALA A 25 -0.06 23.41 2.77
CA ALA A 25 -0.58 24.48 1.93
C ALA A 25 -2.08 24.30 1.67
N ARG A 26 -2.50 23.10 1.29
CA ARG A 26 -3.89 22.89 0.93
C ARG A 26 -4.84 23.39 2.02
N ILE A 27 -4.51 23.11 3.29
CA ILE A 27 -5.34 23.58 4.38
C ILE A 27 -5.16 25.08 4.58
N ARG A 28 -3.92 25.57 4.50
CA ARG A 28 -3.70 27.01 4.55
C ARG A 28 -4.68 27.73 3.60
N THR A 29 -4.83 27.21 2.39
CA THR A 29 -5.75 27.78 1.41
C THR A 29 -7.20 27.66 1.86
N TYR A 30 -7.69 26.42 2.00
CA TYR A 30 -9.07 26.16 2.39
C TYR A 30 -9.58 27.08 3.50
N ASN A 31 -8.70 27.35 4.47
CA ASN A 31 -9.12 28.17 5.59
C ASN A 31 -9.52 29.58 5.16
N GLN A 32 -9.04 30.06 4.01
CA GLN A 32 -9.52 31.35 3.51
C GLN A 32 -11.03 31.36 3.41
N HIS A 33 -11.61 30.26 2.90
CA HIS A 33 -13.05 30.15 2.81
C HIS A 33 -13.68 29.92 4.17
N TYR A 34 -13.06 29.08 4.99
CA TYR A 34 -13.68 28.75 6.28
C TYR A 34 -13.74 29.96 7.21
N ASN A 35 -12.69 30.78 7.23
CA ASN A 35 -12.69 31.98 8.06
C ASN A 35 -13.82 32.92 7.66
N ASN A 36 -14.06 33.05 6.35
CA ASN A 36 -15.09 33.94 5.85
C ASN A 36 -16.48 33.48 6.28
N LEU A 37 -16.73 32.17 6.26
CA LEU A 37 -18.06 31.63 6.54
C LEU A 37 -17.98 30.70 7.75
N LEU A 38 -18.87 30.93 8.72
CA LEU A 38 -19.04 30.12 9.91
C LEU A 38 -18.03 30.49 10.99
N ARG A 39 -17.12 31.43 10.73
CA ARG A 39 -16.13 31.84 11.73
C ARG A 39 -15.38 30.64 12.30
N GLY A 40 -15.02 29.71 11.41
CA GLY A 40 -14.34 28.50 11.82
C GLY A 40 -13.05 28.32 11.06
N ALA A 41 -12.13 27.58 11.67
CA ALA A 41 -10.83 27.27 11.07
C ALA A 41 -10.53 25.79 11.20
N VAL A 42 -9.78 25.26 10.23
CA VAL A 42 -9.39 23.86 10.18
C VAL A 42 -7.93 23.76 10.61
N SER A 43 -7.64 22.82 11.50
CA SER A 43 -6.26 22.65 11.97
C SER A 43 -5.33 22.33 10.81
N GLN A 44 -4.09 22.79 10.93
CA GLN A 44 -3.11 22.60 9.87
C GLN A 44 -2.61 21.15 9.82
N ARG A 45 -2.59 20.47 10.95
CA ARG A 45 -1.99 19.14 11.01
C ARG A 45 -2.94 18.08 10.44
N LEU A 46 -2.33 17.01 9.93
CA LEU A 46 -3.06 15.81 9.58
C LEU A 46 -3.11 14.89 10.80
N TYR A 47 -4.30 14.52 11.24
CA TYR A 47 -4.44 13.66 12.40
C TYR A 47 -4.67 12.22 11.95
N ILE A 48 -3.81 11.34 12.45
CA ILE A 48 -3.78 9.93 12.07
C ILE A 48 -4.27 9.13 13.26
N LEU A 49 -5.42 8.48 13.11
CA LEU A 49 -5.98 7.65 14.17
C LEU A 49 -5.32 6.28 14.15
N LEU A 50 -4.78 5.86 15.30
CA LEU A 50 -4.16 4.55 15.46
C LEU A 50 -4.89 3.79 16.56
N PRO A 51 -6.06 3.22 16.25
CA PRO A 51 -6.70 2.33 17.22
C PRO A 51 -5.84 1.08 17.43
N LEU A 52 -5.53 0.78 18.69
CA LEU A 52 -4.67 -0.35 19.01
C LEU A 52 -5.33 -1.68 18.70
N ASP A 53 -6.66 -1.73 18.73
CA ASP A 53 -7.38 -2.93 18.29
C ASP A 53 -7.34 -3.11 16.79
N CYS A 54 -6.86 -2.13 16.05
CA CYS A 54 -6.79 -2.17 14.58
C CYS A 54 -8.17 -2.27 13.95
N GLY A 55 -9.19 -1.78 14.66
CA GLY A 55 -10.53 -1.72 14.11
C GLY A 55 -10.74 -0.46 13.29
N VAL A 56 -10.68 -0.59 11.98
CA VAL A 56 -10.86 0.53 11.06
C VAL A 56 -12.23 0.41 10.42
N PRO A 57 -13.16 1.34 10.64
CA PRO A 57 -14.44 1.32 9.95
C PRO A 57 -14.36 2.00 8.59
N ASP A 58 -15.41 1.78 7.79
CA ASP A 58 -15.48 2.36 6.46
C ASP A 58 -15.90 3.82 6.48
N ASN A 59 -16.55 4.28 7.56
CA ASN A 59 -16.93 5.67 7.71
C ASN A 59 -16.74 6.07 9.17
N LEU A 60 -16.05 7.20 9.38
CA LEU A 60 -15.68 7.61 10.74
C LEU A 60 -16.89 7.85 11.61
N SER A 61 -17.98 8.36 11.04
CA SER A 61 -19.16 8.65 11.86
C SER A 61 -19.70 7.41 12.53
N MET A 62 -19.47 6.23 11.94
CA MET A 62 -19.89 4.98 12.56
C MET A 62 -19.03 4.66 13.79
N ALA A 63 -17.80 5.18 13.84
CA ALA A 63 -16.93 4.94 14.99
C ALA A 63 -17.25 5.87 16.16
N ASP A 64 -17.84 7.02 15.89
CA ASP A 64 -18.24 7.96 16.94
C ASP A 64 -19.22 8.94 16.31
N PRO A 65 -20.45 9.03 16.82
CA PRO A 65 -21.43 9.90 16.17
C PRO A 65 -21.13 11.38 16.30
N ASN A 66 -20.32 11.78 17.28
CA ASN A 66 -19.87 13.16 17.40
C ASN A 66 -18.77 13.52 16.41
N ILE A 67 -18.42 12.61 15.51
CA ILE A 67 -17.45 12.89 14.46
C ILE A 67 -18.19 12.88 13.13
N ARG A 68 -18.65 14.05 12.68
CA ARG A 68 -19.41 14.14 11.45
C ARG A 68 -18.49 14.54 10.31
N PHE A 69 -18.69 13.92 9.14
CA PHE A 69 -17.99 14.39 7.96
C PHE A 69 -18.49 15.78 7.60
N LEU A 70 -17.56 16.65 7.26
CA LEU A 70 -17.87 18.03 6.92
C LEU A 70 -17.69 18.32 5.44
N ASP A 71 -16.53 17.99 4.89
CA ASP A 71 -16.14 18.45 3.58
C ASP A 71 -14.90 17.70 3.14
N LYS A 72 -14.80 17.42 1.85
CA LYS A 72 -13.55 16.89 1.31
C LYS A 72 -12.58 18.04 1.04
N LEU A 73 -11.30 17.70 0.99
CA LEU A 73 -10.24 18.69 0.81
C LEU A 73 -9.81 18.74 -0.66
N PRO A 74 -9.58 19.93 -1.22
CA PRO A 74 -9.10 20.03 -2.60
C PRO A 74 -7.58 19.86 -2.68
N GLN A 75 -7.09 19.81 -3.91
CA GLN A 75 -5.69 19.52 -4.19
C GLN A 75 -4.97 20.76 -4.67
N GLN A 76 -3.63 20.69 -4.66
CA GLN A 76 -2.77 21.82 -5.00
C GLN A 76 -2.76 22.08 -6.51
N TYR A 88 -5.68 11.15 -4.39
CA TYR A 88 -5.63 11.13 -2.93
C TYR A 88 -6.74 12.00 -2.35
N SER A 89 -7.72 11.36 -1.69
CA SER A 89 -8.83 12.06 -1.08
C SER A 89 -8.65 12.14 0.43
N ASN A 90 -8.70 13.36 0.96
CA ASN A 90 -8.68 13.60 2.40
C ASN A 90 -9.97 14.29 2.81
N SER A 91 -10.45 13.98 4.00
CA SER A 91 -11.75 14.43 4.46
C SER A 91 -11.61 15.25 5.74
N ILE A 92 -12.33 16.37 5.78
CA ILE A 92 -12.38 17.22 6.96
C ILE A 92 -13.57 16.82 7.81
N TYR A 93 -13.35 16.70 9.11
CA TYR A 93 -14.40 16.30 10.03
C TYR A 93 -14.64 17.39 11.06
N GLU A 94 -15.92 17.56 11.41
CA GLU A 94 -16.29 18.35 12.57
C GLU A 94 -16.44 17.44 13.77
N LEU A 95 -15.80 17.85 14.87
CA LEU A 95 -15.94 17.21 16.16
C LEU A 95 -16.98 17.96 16.97
N LEU A 96 -17.93 17.22 17.55
CA LEU A 96 -19.09 17.79 18.20
C LEU A 96 -19.06 17.59 19.70
N GLU A 97 -19.73 18.51 20.40
CA GLU A 97 -19.99 18.43 21.82
C GLU A 97 -21.39 18.98 22.05
N ASN A 98 -22.27 18.16 22.61
CA ASN A 98 -23.65 18.57 22.86
C ASN A 98 -24.27 19.18 21.60
N GLY A 99 -23.96 18.58 20.46
CA GLY A 99 -24.41 19.11 19.18
C GLY A 99 -23.68 20.34 18.70
N GLN A 100 -22.91 21.01 19.55
CA GLN A 100 -22.16 22.18 19.14
C GLN A 100 -20.87 21.75 18.44
N ARG A 101 -20.51 22.46 17.36
CA ARG A 101 -19.24 22.19 16.70
C ARG A 101 -18.11 22.62 17.62
N ALA A 102 -17.26 21.68 18.01
CA ALA A 102 -16.13 21.96 18.87
C ALA A 102 -14.79 21.91 18.15
N GLY A 103 -14.71 21.25 17.00
CA GLY A 103 -13.43 21.25 16.30
C GLY A 103 -13.60 20.89 14.84
N THR A 104 -12.50 21.05 14.11
CA THR A 104 -12.47 20.68 12.70
C THR A 104 -11.04 20.26 12.35
N CYS A 105 -10.91 19.17 11.61
CA CYS A 105 -9.56 18.75 11.23
C CYS A 105 -9.60 17.74 10.10
N VAL A 106 -8.49 17.69 9.34
CA VAL A 106 -8.26 16.57 8.44
C VAL A 106 -7.91 15.36 9.28
N LEU A 107 -8.65 14.28 9.10
CA LEU A 107 -8.63 13.15 10.01
C LEU A 107 -8.70 11.88 9.18
N GLU A 108 -7.85 10.89 9.50
CA GLU A 108 -7.99 9.60 8.83
C GLU A 108 -7.23 8.52 9.59
N TYR A 109 -7.66 7.28 9.36
CA TYR A 109 -7.07 6.11 10.01
C TYR A 109 -5.79 5.67 9.31
N ALA A 110 -4.80 5.24 10.10
CA ALA A 110 -3.66 4.52 9.56
C ALA A 110 -4.11 3.19 8.96
N THR A 111 -4.19 3.13 7.63
CA THR A 111 -4.71 1.93 6.97
C THR A 111 -3.87 0.67 7.19
N PRO A 112 -2.55 0.74 7.43
CA PRO A 112 -1.80 -0.51 7.68
C PRO A 112 -2.33 -1.31 8.85
N LEU A 113 -3.05 -0.69 9.78
CA LEU A 113 -3.64 -1.47 10.87
C LEU A 113 -4.64 -2.48 10.31
N GLN A 114 -5.40 -2.08 9.29
CA GLN A 114 -6.25 -3.04 8.59
C GLN A 114 -5.47 -4.31 8.30
N THR A 115 -4.25 -4.15 7.79
CA THR A 115 -3.44 -5.32 7.46
C THR A 115 -3.22 -6.20 8.68
N LEU A 116 -2.78 -5.60 9.79
CA LEU A 116 -2.56 -6.40 11.00
C LEU A 116 -3.85 -7.08 11.44
N PHE A 117 -5.00 -6.45 11.17
CA PHE A 117 -6.27 -7.11 11.48
C PHE A 117 -6.48 -8.30 10.56
N ALA A 118 -6.31 -8.08 9.24
CA ALA A 118 -6.51 -9.17 8.30
C ALA A 118 -5.63 -10.37 8.65
N MET A 119 -4.36 -10.10 8.96
CA MET A 119 -3.44 -11.17 9.33
C MET A 119 -3.98 -11.97 10.51
N SER A 120 -4.56 -11.29 11.51
CA SER A 120 -5.02 -12.02 12.67
C SER A 120 -6.25 -12.86 12.36
N GLN A 121 -6.95 -12.58 11.27
CA GLN A 121 -8.05 -13.40 10.80
C GLN A 121 -7.62 -14.40 9.73
N TYR A 122 -6.31 -14.49 9.44
CA TYR A 122 -5.77 -15.37 8.43
C TYR A 122 -5.00 -16.49 9.13
N SER A 123 -5.57 -17.71 9.09
CA SER A 123 -5.11 -18.77 9.98
C SER A 123 -3.72 -19.26 9.62
N GLN A 124 -3.38 -19.30 8.33
CA GLN A 124 -2.06 -19.76 7.92
C GLN A 124 -0.95 -18.93 8.57
N ALA A 125 -1.25 -17.71 8.98
CA ALA A 125 -0.21 -16.80 9.45
C ALA A 125 0.22 -17.10 10.89
N GLY A 126 -0.63 -17.72 11.69
CA GLY A 126 -0.31 -17.90 13.10
C GLY A 126 -0.18 -16.60 13.85
N PHE A 127 -0.98 -15.60 13.46
CA PHE A 127 -0.87 -14.24 13.99
C PHE A 127 -2.03 -14.05 14.96
N SER A 128 -1.74 -14.15 16.25
CA SER A 128 -2.77 -14.07 17.28
C SER A 128 -3.17 -12.62 17.55
N ARG A 129 -4.23 -12.46 18.34
CA ARG A 129 -4.64 -11.13 18.79
C ARG A 129 -3.57 -10.51 19.67
N GLU A 130 -2.95 -11.31 20.53
CA GLU A 130 -1.79 -10.84 21.28
C GLU A 130 -0.74 -10.27 20.33
N ASP A 131 -0.41 -11.04 19.29
CA ASP A 131 0.52 -10.56 18.28
C ASP A 131 0.02 -9.26 17.67
N ARG A 132 -1.23 -9.24 17.20
CA ARG A 132 -1.75 -8.05 16.53
C ARG A 132 -1.57 -6.82 17.41
N LEU A 133 -1.80 -6.94 18.71
CA LEU A 133 -1.65 -5.77 19.58
C LEU A 133 -0.19 -5.39 19.75
N GLU A 134 0.69 -6.37 19.96
CA GLU A 134 2.11 -6.07 20.04
C GLU A 134 2.58 -5.32 18.79
N GLN A 135 2.24 -5.84 17.61
CA GLN A 135 2.64 -5.22 16.36
C GLN A 135 1.97 -3.88 16.14
N ALA A 136 0.77 -3.68 16.68
CA ALA A 136 0.12 -2.37 16.57
C ALA A 136 0.91 -1.32 17.36
N LYS A 137 1.13 -1.60 18.66
CA LYS A 137 1.97 -0.72 19.46
C LYS A 137 3.30 -0.44 18.76
N LEU A 138 3.94 -1.48 18.24
CA LEU A 138 5.23 -1.32 17.60
C LEU A 138 5.12 -0.44 16.36
N PHE A 139 4.07 -0.62 15.57
CA PHE A 139 3.81 0.26 14.44
C PHE A 139 3.81 1.71 14.89
N CYS A 140 3.11 2.00 16.00
CA CYS A 140 3.08 3.36 16.52
C CYS A 140 4.49 3.86 16.85
N ARG A 141 5.22 3.10 17.69
CA ARG A 141 6.55 3.56 18.10
C ARG A 141 7.45 3.81 16.88
N THR A 142 7.38 2.91 15.89
CA THR A 142 8.25 3.03 14.72
C THR A 142 7.91 4.25 13.89
N LEU A 143 6.62 4.49 13.65
CA LEU A 143 6.22 5.65 12.88
C LEU A 143 6.57 6.94 13.62
N GLU A 144 6.38 6.96 14.95
CA GLU A 144 6.85 8.07 15.76
C GLU A 144 8.30 8.38 15.45
N ASP A 145 9.19 7.38 15.60
CA ASP A 145 10.60 7.62 15.32
C ASP A 145 10.82 8.18 13.91
N ILE A 146 10.16 7.57 12.92
CA ILE A 146 10.37 8.00 11.54
C ILE A 146 10.04 9.49 11.40
N LEU A 147 8.90 9.92 11.94
CA LEU A 147 8.56 11.34 11.87
C LEU A 147 9.50 12.20 12.72
N ALA A 148 10.14 11.60 13.73
CA ALA A 148 11.06 12.35 14.57
C ALA A 148 12.38 12.63 13.88
N ASP A 149 12.74 11.86 12.84
CA ASP A 149 13.88 12.26 12.01
C ASP A 149 13.46 12.90 10.69
N ALA A 150 12.14 13.18 10.48
CA ALA A 150 11.68 13.58 9.15
C ALA A 150 11.56 15.10 9.04
N PRO A 151 11.81 15.65 7.84
CA PRO A 151 11.87 17.11 7.65
C PRO A 151 10.49 17.73 7.48
N GLU A 152 10.08 18.56 8.44
CA GLU A 152 8.81 19.28 8.38
C GLU A 152 7.61 18.35 8.50
N SER A 153 7.84 17.04 8.36
CA SER A 153 6.74 16.09 8.34
C SER A 153 6.16 15.89 9.74
N GLN A 154 7.02 15.68 10.74
CA GLN A 154 6.55 15.65 12.11
C GLN A 154 5.64 16.82 12.41
N ASN A 155 5.93 17.98 11.81
CA ASN A 155 5.14 19.19 12.02
C ASN A 155 3.80 19.14 11.30
N ASN A 156 3.69 18.34 10.22
CA ASN A 156 2.50 18.33 9.40
C ASN A 156 1.41 17.38 9.90
N CYS A 157 1.68 16.56 10.92
CA CYS A 157 0.70 15.55 11.31
C CYS A 157 0.93 15.12 12.75
N ARG A 158 -0.13 14.57 13.34
CA ARG A 158 -0.11 14.11 14.72
C ARG A 158 -0.70 12.71 14.83
N LEU A 159 -0.05 11.87 15.63
CA LEU A 159 -0.47 10.50 15.82
C LEU A 159 -1.37 10.39 17.05
N ILE A 160 -2.47 9.68 16.92
CA ILE A 160 -3.45 9.53 18.00
C ILE A 160 -3.64 8.03 18.21
N ALA A 161 -2.82 7.46 19.08
CA ALA A 161 -2.88 6.04 19.41
C ALA A 161 -3.65 5.87 20.72
N TYR A 162 -4.67 5.03 20.69
CA TYR A 162 -5.52 4.81 21.87
C TYR A 162 -5.93 3.35 21.96
N GLN A 163 -6.12 2.89 23.19
CA GLN A 163 -6.60 1.54 23.48
C GLN A 163 -7.99 1.63 24.11
N GLU A 164 -8.94 0.91 23.53
CA GLU A 164 -10.29 1.07 24.01
C GLU A 164 -10.64 0.03 25.05
N PRO A 165 -11.48 0.45 26.01
CA PRO A 165 -11.64 -0.25 27.27
C PRO A 165 -12.77 -1.27 27.28
N ALA A 166 -12.58 -2.34 28.05
CA ALA A 166 -13.67 -3.29 28.27
C ALA A 166 -14.86 -2.60 28.89
N ASP A 167 -14.63 -1.72 29.86
CA ASP A 167 -15.70 -0.96 30.49
C ASP A 167 -16.13 0.21 29.62
N PHE A 171 -15.51 5.43 26.47
CA PHE A 171 -14.43 6.09 25.73
C PHE A 171 -15.00 6.92 24.58
N SER A 172 -14.57 8.18 24.48
CA SER A 172 -15.03 9.08 23.42
C SER A 172 -13.85 9.39 22.50
N LEU A 173 -13.98 9.00 21.23
CA LEU A 173 -12.93 9.31 20.27
C LEU A 173 -12.94 10.79 19.92
N SER A 174 -14.13 11.36 19.66
CA SER A 174 -14.22 12.79 19.39
C SER A 174 -13.56 13.61 20.48
N GLN A 175 -13.59 13.12 21.72
CA GLN A 175 -12.96 13.85 22.83
C GLN A 175 -11.45 13.65 22.86
N GLU A 176 -10.98 12.44 22.52
CA GLU A 176 -9.54 12.23 22.36
C GLU A 176 -8.99 13.22 21.33
N VAL A 177 -9.62 13.24 20.15
CA VAL A 177 -9.21 14.15 19.09
C VAL A 177 -9.29 15.59 19.56
N LEU A 178 -10.36 15.95 20.26
CA LEU A 178 -10.51 17.33 20.69
C LEU A 178 -9.43 17.73 21.68
N ARG A 179 -9.04 16.81 22.57
CA ARG A 179 -7.90 17.04 23.43
C ARG A 179 -6.68 17.42 22.60
N HIS A 180 -6.40 16.63 21.56
CA HIS A 180 -5.23 16.94 20.74
C HIS A 180 -5.36 18.30 20.06
N LEU A 181 -6.52 18.59 19.46
CA LEU A 181 -6.67 19.86 18.74
C LEU A 181 -6.49 21.06 19.66
N ARG A 182 -7.06 20.98 20.86
CA ARG A 182 -6.93 22.09 21.81
C ARG A 182 -5.50 22.23 22.29
N GLN A 183 -4.82 21.11 22.52
CA GLN A 183 -3.41 21.15 22.83
C GLN A 183 -2.63 21.84 21.71
N GLU A 184 -2.93 21.46 20.47
CA GLU A 184 -2.28 22.05 19.31
C GLU A 184 -2.47 23.56 19.28
N GLU A 185 -3.71 24.03 19.46
CA GLU A 185 -3.97 25.47 19.43
C GLU A 185 -3.22 26.18 20.54
N LYS A 186 -3.25 25.62 21.76
CA LYS A 186 -2.46 26.15 22.85
C LYS A 186 -1.01 26.36 22.43
N GLU A 187 -0.40 25.30 21.88
CA GLU A 187 0.97 25.39 21.39
C GLU A 187 1.11 26.50 20.36
N GLU A 188 0.16 26.61 19.44
CA GLU A 188 0.26 27.61 18.37
C GLU A 188 0.37 29.00 18.96
N VAL A 189 -0.54 29.37 19.85
CA VAL A 189 -0.59 30.77 20.31
C VAL A 189 0.51 31.07 21.32
N THR A 190 0.96 30.09 22.11
CA THR A 190 1.99 30.37 23.10
C THR A 190 3.37 30.44 22.46
N VAL A 191 3.77 29.39 21.76
CA VAL A 191 5.06 29.34 21.09
C VAL A 191 4.98 30.04 19.74
N PHE B 1 16.10 -6.05 12.40
CA PHE B 1 15.18 -5.10 11.81
C PHE B 1 15.03 -5.32 10.31
N ASN B 2 13.92 -5.93 9.90
CA ASN B 2 13.70 -6.33 8.51
C ASN B 2 12.38 -5.73 8.03
N VAL B 3 12.47 -4.68 7.20
CA VAL B 3 11.26 -4.09 6.64
C VAL B 3 10.63 -5.02 5.61
N ALA B 4 11.38 -5.97 5.08
CA ALA B 4 10.87 -6.82 4.02
C ALA B 4 9.73 -7.71 4.50
N HIS B 5 9.77 -8.15 5.77
CA HIS B 5 8.69 -8.96 6.31
C HIS B 5 7.35 -8.27 6.13
N GLY B 6 7.23 -7.05 6.67
CA GLY B 6 5.99 -6.32 6.57
C GLY B 6 5.60 -6.00 5.14
N LEU B 7 6.58 -5.66 4.32
CA LEU B 7 6.28 -5.37 2.92
C LEU B 7 5.66 -6.57 2.23
N ALA B 8 6.25 -7.76 2.42
CA ALA B 8 5.68 -8.95 1.80
C ALA B 8 4.28 -9.22 2.32
N TRP B 9 4.14 -9.33 3.64
CA TRP B 9 2.84 -9.61 4.22
C TRP B 9 1.79 -8.61 3.76
N SER B 10 2.18 -7.35 3.59
CA SER B 10 1.23 -6.31 3.22
C SER B 10 0.89 -6.38 1.75
N TYR B 11 1.86 -6.71 0.91
CA TYR B 11 1.60 -6.94 -0.51
C TYR B 11 0.60 -8.08 -0.68
N TYR B 12 0.76 -9.14 0.10
CA TYR B 12 -0.17 -10.27 -0.01
C TYR B 12 -1.54 -9.89 0.55
N ILE B 13 -1.59 -9.50 1.82
CA ILE B 13 -2.85 -9.30 2.50
C ILE B 13 -3.65 -8.17 1.86
N GLY B 14 -2.96 -7.12 1.42
CA GLY B 14 -3.63 -5.92 0.95
C GLY B 14 -3.89 -5.91 -0.54
N TYR B 15 -3.18 -6.74 -1.31
CA TYR B 15 -3.30 -6.68 -2.76
C TYR B 15 -3.48 -8.04 -3.43
N LEU B 16 -2.56 -8.97 -3.21
CA LEU B 16 -2.64 -10.24 -3.93
C LEU B 16 -3.84 -11.06 -3.47
N ARG B 17 -4.01 -11.21 -2.16
CA ARG B 17 -5.11 -11.98 -1.61
C ARG B 17 -6.45 -11.50 -2.16
N LEU B 18 -6.55 -10.20 -2.47
CA LEU B 18 -7.80 -9.64 -2.96
C LEU B 18 -7.94 -9.77 -4.48
N ILE B 19 -6.87 -9.50 -5.24
CA ILE B 19 -6.99 -9.42 -6.68
C ILE B 19 -6.91 -10.78 -7.36
N LEU B 20 -6.18 -11.75 -6.78
CA LEU B 20 -5.95 -13.00 -7.48
C LEU B 20 -7.22 -13.81 -7.66
N PRO B 21 -8.07 -14.01 -6.64
CA PRO B 21 -9.28 -14.83 -6.85
C PRO B 21 -10.07 -14.48 -8.10
N GLU B 22 -10.28 -13.19 -8.36
CA GLU B 22 -10.98 -12.78 -9.59
C GLU B 22 -10.21 -13.23 -10.82
N LEU B 23 -8.88 -13.24 -10.74
CA LEU B 23 -8.03 -13.33 -11.93
C LEU B 23 -8.31 -14.61 -12.72
N GLN B 24 -8.12 -15.77 -12.10
CA GLN B 24 -8.11 -17.03 -12.82
C GLN B 24 -9.31 -17.15 -13.76
N ALA B 25 -10.43 -16.52 -13.41
CA ALA B 25 -11.58 -16.47 -14.31
C ALA B 25 -11.50 -15.28 -15.25
N ARG B 26 -11.12 -14.09 -14.78
CA ARG B 26 -11.06 -12.93 -15.68
C ARG B 26 -10.25 -13.25 -16.93
N ILE B 27 -9.13 -13.94 -16.77
CA ILE B 27 -8.33 -14.32 -17.94
C ILE B 27 -9.06 -15.36 -18.76
N ARG B 28 -9.66 -16.36 -18.10
CA ARG B 28 -10.47 -17.35 -18.81
C ARG B 28 -11.48 -16.67 -19.71
N THR B 29 -12.14 -15.62 -19.20
CA THR B 29 -13.07 -14.84 -20.00
C THR B 29 -12.36 -14.22 -21.19
N TYR B 30 -11.32 -13.43 -20.93
CA TYR B 30 -10.64 -12.71 -22.00
C TYR B 30 -10.24 -13.64 -23.14
N ASN B 31 -9.77 -14.85 -22.81
CA ASN B 31 -9.25 -15.75 -23.84
C ASN B 31 -10.31 -16.23 -24.83
N GLN B 32 -11.59 -15.99 -24.56
CA GLN B 32 -12.59 -16.17 -25.60
C GLN B 32 -12.32 -15.23 -26.76
N HIS B 33 -12.38 -13.92 -26.49
CA HIS B 33 -12.00 -12.92 -27.48
C HIS B 33 -10.60 -13.18 -28.02
N TYR B 34 -9.63 -13.36 -27.13
CA TYR B 34 -8.23 -13.45 -27.56
C TYR B 34 -8.00 -14.63 -28.48
N ASN B 35 -8.51 -15.81 -28.10
CA ASN B 35 -8.35 -16.99 -28.93
C ASN B 35 -9.08 -16.83 -30.26
N ASN B 36 -10.31 -16.32 -30.23
CA ASN B 36 -11.05 -16.16 -31.48
C ASN B 36 -10.43 -15.12 -32.39
N LEU B 37 -9.71 -14.15 -31.83
CA LEU B 37 -9.22 -13.03 -32.61
C LEU B 37 -7.77 -13.25 -33.03
N LEU B 38 -6.83 -13.23 -32.08
CA LEU B 38 -5.42 -13.26 -32.40
C LEU B 38 -4.82 -14.67 -32.50
N ARG B 39 -5.65 -15.71 -32.43
CA ARG B 39 -5.17 -17.09 -32.50
C ARG B 39 -4.08 -17.34 -31.46
N GLY B 40 -4.30 -16.83 -30.26
CA GLY B 40 -3.40 -17.04 -29.15
C GLY B 40 -4.16 -16.84 -27.86
N ALA B 41 -3.60 -17.37 -26.77
CA ALA B 41 -4.26 -17.33 -25.47
C ALA B 41 -3.32 -16.76 -24.42
N VAL B 42 -3.91 -16.05 -23.45
CA VAL B 42 -3.16 -15.43 -22.37
C VAL B 42 -2.96 -16.44 -21.25
N SER B 43 -1.74 -16.52 -20.72
CA SER B 43 -1.48 -17.42 -19.61
C SER B 43 -2.40 -17.09 -18.43
N GLN B 44 -2.78 -18.14 -17.70
CA GLN B 44 -3.71 -17.98 -16.58
C GLN B 44 -3.06 -17.25 -15.40
N ARG B 45 -1.75 -17.36 -15.26
CA ARG B 45 -1.09 -16.90 -14.05
C ARG B 45 -0.74 -15.41 -14.12
N LEU B 46 -0.78 -14.77 -12.96
CA LEU B 46 -0.29 -13.41 -12.81
C LEU B 46 1.21 -13.44 -12.58
N TYR B 47 1.96 -12.80 -13.48
CA TYR B 47 3.42 -12.79 -13.39
C TYR B 47 3.86 -11.51 -12.69
N ILE B 48 4.61 -11.68 -11.61
CA ILE B 48 5.07 -10.59 -10.76
C ILE B 48 6.57 -10.48 -10.95
N LEU B 49 7.02 -9.38 -11.56
CA LEU B 49 8.46 -9.20 -11.77
C LEU B 49 9.06 -8.61 -10.50
N LEU B 50 10.15 -9.22 -10.02
CA LEU B 50 10.86 -8.77 -8.83
C LEU B 50 12.29 -8.43 -9.21
N PRO B 51 12.54 -7.29 -9.83
CA PRO B 51 13.91 -6.84 -10.05
C PRO B 51 14.60 -6.61 -8.71
N LEU B 52 15.73 -7.29 -8.51
CA LEU B 52 16.47 -7.13 -7.26
C LEU B 52 17.19 -5.79 -7.19
N ASP B 53 17.36 -5.08 -8.31
CA ASP B 53 17.83 -3.70 -8.25
C ASP B 53 16.73 -2.74 -7.82
N CYS B 54 15.55 -3.26 -7.48
CA CYS B 54 14.40 -2.47 -7.05
C CYS B 54 14.06 -1.35 -8.02
N GLY B 55 14.47 -1.48 -9.27
CA GLY B 55 14.22 -0.47 -10.27
C GLY B 55 12.95 -0.72 -11.06
N VAL B 56 11.87 -0.04 -10.66
CA VAL B 56 10.57 -0.21 -11.28
C VAL B 56 10.31 0.99 -12.19
N PRO B 57 10.36 0.83 -13.51
CA PRO B 57 10.09 1.96 -14.40
C PRO B 57 8.60 2.25 -14.50
N ASP B 58 8.28 3.40 -15.08
CA ASP B 58 6.88 3.78 -15.27
C ASP B 58 6.15 2.77 -16.13
N ASN B 59 6.80 2.31 -17.20
CA ASN B 59 6.21 1.37 -18.14
C ASN B 59 7.17 0.21 -18.38
N LEU B 60 6.59 -0.96 -18.65
CA LEU B 60 7.38 -2.17 -18.88
C LEU B 60 8.24 -2.04 -20.13
N SER B 61 7.75 -1.34 -21.16
CA SER B 61 8.44 -1.28 -22.43
C SER B 61 9.80 -0.62 -22.30
N MET B 62 9.92 0.42 -21.47
CA MET B 62 11.18 1.13 -21.35
C MET B 62 12.30 0.20 -20.91
N ALA B 63 12.02 -0.70 -19.96
CA ALA B 63 13.06 -1.60 -19.48
C ALA B 63 13.49 -2.60 -20.55
N ASP B 64 12.53 -3.15 -21.29
CA ASP B 64 12.82 -4.08 -22.37
C ASP B 64 11.82 -3.84 -23.50
N PRO B 65 12.29 -3.53 -24.71
CA PRO B 65 11.37 -3.14 -25.78
C PRO B 65 10.66 -4.31 -26.44
N ASN B 66 11.01 -5.54 -26.07
CA ASN B 66 10.30 -6.73 -26.54
C ASN B 66 9.13 -7.10 -25.64
N ILE B 67 9.00 -6.48 -24.46
CA ILE B 67 7.76 -6.50 -23.70
C ILE B 67 6.95 -5.29 -24.15
N ARG B 68 5.75 -5.52 -24.66
CA ARG B 68 4.97 -4.49 -25.32
C ARG B 68 3.54 -4.54 -24.81
N PHE B 69 3.01 -3.40 -24.34
CA PHE B 69 1.64 -3.39 -23.85
C PHE B 69 0.70 -3.83 -24.96
N LEU B 70 -0.29 -4.65 -24.58
CA LEU B 70 -1.24 -5.20 -25.52
C LEU B 70 -2.66 -4.69 -25.27
N ASP B 71 -3.15 -4.85 -24.05
CA ASP B 71 -4.57 -4.65 -23.75
C ASP B 71 -4.74 -4.62 -22.24
N LYS B 72 -5.62 -3.74 -21.76
CA LYS B 72 -6.01 -3.79 -20.37
C LYS B 72 -6.97 -4.95 -20.14
N LEU B 73 -6.90 -5.52 -18.94
CA LEU B 73 -7.77 -6.62 -18.54
C LEU B 73 -9.00 -6.06 -17.82
N PRO B 74 -10.21 -6.57 -18.09
CA PRO B 74 -11.40 -6.07 -17.41
C PRO B 74 -11.61 -6.73 -16.05
N GLN B 75 -12.63 -6.25 -15.34
CA GLN B 75 -12.98 -6.75 -14.01
C GLN B 75 -14.10 -7.78 -14.12
N GLN B 76 -14.36 -8.44 -12.99
CA GLN B 76 -15.34 -9.53 -12.94
C GLN B 76 -16.74 -8.98 -13.19
N THR B 77 -17.47 -9.63 -14.09
CA THR B 77 -18.82 -9.21 -14.45
C THR B 77 -19.87 -9.98 -13.65
N VAL B 87 -11.79 -2.47 -8.78
CA VAL B 87 -11.14 -1.18 -8.63
C VAL B 87 -9.65 -1.28 -8.95
N TYR B 88 -9.30 -2.19 -9.85
CA TYR B 88 -7.89 -2.50 -10.14
C TYR B 88 -7.65 -2.61 -11.64
N SER B 89 -6.64 -1.91 -12.13
CA SER B 89 -6.22 -1.99 -13.51
C SER B 89 -5.08 -2.99 -13.66
N ASN B 90 -5.16 -3.82 -14.69
CA ASN B 90 -4.16 -4.85 -14.94
C ASN B 90 -3.91 -4.97 -16.43
N SER B 91 -2.64 -5.07 -16.80
CA SER B 91 -2.21 -4.92 -18.19
C SER B 91 -1.68 -6.24 -18.74
N ILE B 92 -2.18 -6.62 -19.91
CA ILE B 92 -1.63 -7.74 -20.67
C ILE B 92 -0.50 -7.20 -21.52
N TYR B 93 0.65 -7.85 -21.47
CA TYR B 93 1.79 -7.51 -22.32
C TYR B 93 2.14 -8.70 -23.21
N GLU B 94 2.48 -8.41 -24.46
CA GLU B 94 3.00 -9.39 -25.40
C GLU B 94 4.53 -9.36 -25.36
N LEU B 95 5.13 -10.55 -25.28
CA LEU B 95 6.57 -10.73 -25.36
C LEU B 95 6.96 -10.97 -26.80
N LEU B 96 8.11 -10.44 -27.21
CA LEU B 96 8.51 -10.48 -28.61
C LEU B 96 9.86 -11.15 -28.81
N GLU B 97 10.00 -11.74 -30.00
CA GLU B 97 11.25 -12.29 -30.50
C GLU B 97 11.33 -12.00 -31.99
N ASN B 98 12.35 -11.25 -32.40
CA ASN B 98 12.54 -10.89 -33.80
C ASN B 98 11.25 -10.30 -34.40
N GLY B 99 10.55 -9.50 -33.60
CA GLY B 99 9.34 -8.84 -34.05
C GLY B 99 8.08 -9.68 -33.99
N GLN B 100 8.19 -10.98 -33.73
CA GLN B 100 7.03 -11.87 -33.71
C GLN B 100 6.54 -12.07 -32.28
N ARG B 101 5.22 -12.09 -32.12
CA ARG B 101 4.61 -12.39 -30.82
C ARG B 101 4.97 -13.81 -30.41
N ALA B 102 5.54 -13.95 -29.21
CA ALA B 102 5.94 -15.25 -28.69
C ALA B 102 5.23 -15.62 -27.40
N GLY B 103 4.47 -14.72 -26.80
CA GLY B 103 3.74 -15.03 -25.58
C GLY B 103 2.95 -13.81 -25.16
N THR B 104 1.96 -14.05 -24.31
CA THR B 104 1.18 -12.97 -23.72
C THR B 104 0.90 -13.30 -22.27
N CYS B 105 0.88 -12.26 -21.44
CA CYS B 105 0.60 -12.53 -20.03
C CYS B 105 0.27 -11.23 -19.31
N VAL B 106 -0.49 -11.37 -18.23
CA VAL B 106 -0.65 -10.30 -17.25
C VAL B 106 0.63 -10.25 -16.43
N LEU B 107 1.30 -9.10 -16.44
CA LEU B 107 2.66 -9.00 -15.89
C LEU B 107 2.80 -7.63 -15.24
N GLU B 108 3.18 -7.60 -13.96
CA GLU B 108 3.32 -6.32 -13.27
C GLU B 108 4.46 -6.35 -12.28
N TYR B 109 5.04 -5.16 -12.07
CA TYR B 109 6.10 -4.96 -11.09
C TYR B 109 5.51 -4.94 -9.68
N ALA B 110 6.38 -5.15 -8.69
CA ALA B 110 5.97 -5.17 -7.29
C ALA B 110 6.19 -3.81 -6.66
N THR B 111 5.12 -3.26 -6.07
CA THR B 111 5.22 -1.98 -5.36
C THR B 111 6.17 -2.02 -4.16
N PRO B 112 6.20 -3.07 -3.35
CA PRO B 112 7.11 -3.05 -2.18
C PRO B 112 8.56 -2.74 -2.58
N LEU B 113 8.99 -3.30 -3.71
CA LEU B 113 10.37 -3.06 -4.15
C LEU B 113 10.64 -1.57 -4.32
N GLN B 114 9.66 -0.85 -4.87
CA GLN B 114 9.81 0.58 -5.03
C GLN B 114 10.03 1.25 -3.68
N THR B 115 9.28 0.82 -2.65
CA THR B 115 9.54 1.39 -1.34
C THR B 115 11.00 1.19 -0.94
N LEU B 116 11.57 0.00 -1.19
CA LEU B 116 12.97 -0.23 -0.82
C LEU B 116 13.91 0.73 -1.56
N PHE B 117 13.62 1.02 -2.83
CA PHE B 117 14.44 2.00 -3.54
C PHE B 117 14.35 3.39 -2.90
N ALA B 118 13.12 3.84 -2.65
CA ALA B 118 12.92 5.15 -2.02
C ALA B 118 13.70 5.23 -0.71
N MET B 119 13.59 4.18 0.11
CA MET B 119 14.32 4.15 1.37
C MET B 119 15.82 4.30 1.14
N SER B 120 16.36 3.66 0.10
CA SER B 120 17.79 3.79 -0.13
C SER B 120 18.18 5.18 -0.61
N GLN B 121 17.23 5.98 -1.09
CA GLN B 121 17.52 7.38 -1.41
C GLN B 121 17.11 8.35 -0.31
N TYR B 122 16.75 7.84 0.87
CA TYR B 122 16.31 8.64 2.00
C TYR B 122 17.37 8.50 3.11
N SER B 123 18.09 9.60 3.37
CA SER B 123 19.32 9.50 4.16
C SER B 123 19.03 9.22 5.63
N GLN B 124 17.94 9.77 6.17
CA GLN B 124 17.61 9.51 7.57
C GLN B 124 17.26 8.05 7.82
N ALA B 125 17.17 7.22 6.78
CA ALA B 125 16.90 5.80 6.97
C ALA B 125 18.15 5.04 7.39
N GLY B 126 19.32 5.47 6.92
CA GLY B 126 20.54 4.68 7.12
C GLY B 126 20.48 3.38 6.36
N PHE B 127 19.94 3.42 5.14
CA PHE B 127 19.57 2.23 4.38
C PHE B 127 20.41 2.21 3.11
N SER B 128 21.48 1.41 3.11
CA SER B 128 22.42 1.37 2.01
C SER B 128 21.89 0.52 0.86
N ARG B 129 22.58 0.59 -0.28
CA ARG B 129 22.25 -0.28 -1.41
C ARG B 129 22.44 -1.74 -1.04
N GLU B 130 23.47 -2.05 -0.24
CA GLU B 130 23.65 -3.41 0.26
C GLU B 130 22.44 -3.84 1.09
N ASP B 131 22.03 -2.97 2.02
CA ASP B 131 20.79 -3.22 2.75
C ASP B 131 19.63 -3.43 1.79
N ARG B 132 19.53 -2.57 0.78
CA ARG B 132 18.40 -2.65 -0.15
C ARG B 132 18.35 -4.01 -0.83
N LEU B 133 19.49 -4.51 -1.29
CA LEU B 133 19.49 -5.79 -1.98
C LEU B 133 19.15 -6.93 -1.03
N GLU B 134 19.77 -6.93 0.16
CA GLU B 134 19.42 -7.94 1.15
C GLU B 134 17.91 -7.98 1.39
N GLN B 135 17.29 -6.80 1.50
CA GLN B 135 15.86 -6.74 1.79
C GLN B 135 15.02 -7.10 0.57
N ALA B 136 15.52 -6.84 -0.64
CA ALA B 136 14.80 -7.30 -1.83
C ALA B 136 14.76 -8.82 -1.87
N LYS B 137 15.92 -9.45 -1.69
CA LYS B 137 15.98 -10.91 -1.62
C LYS B 137 15.04 -11.43 -0.53
N LEU B 138 15.06 -10.81 0.64
CA LEU B 138 14.20 -11.26 1.73
C LEU B 138 12.72 -11.13 1.35
N PHE B 139 12.35 -10.01 0.72
CA PHE B 139 11.00 -9.84 0.24
C PHE B 139 10.60 -11.01 -0.66
N CYS B 140 11.48 -11.39 -1.59
CA CYS B 140 11.20 -12.51 -2.48
CA CYS B 140 11.20 -12.51 -2.49
C CYS B 140 10.95 -13.79 -1.69
N ARG B 141 11.93 -14.18 -0.86
CA ARG B 141 11.81 -15.43 -0.11
C ARG B 141 10.54 -15.45 0.75
N THR B 142 10.22 -14.31 1.38
CA THR B 142 9.08 -14.26 2.28
C THR B 142 7.76 -14.37 1.53
N LEU B 143 7.63 -13.64 0.41
CA LEU B 143 6.44 -13.76 -0.42
C LEU B 143 6.29 -15.18 -0.96
N GLU B 144 7.41 -15.83 -1.27
CA GLU B 144 7.38 -17.25 -1.63
C GLU B 144 6.75 -18.07 -0.51
N ASP B 145 7.29 -17.96 0.71
CA ASP B 145 6.73 -18.72 1.83
C ASP B 145 5.24 -18.48 1.98
N ILE B 146 4.81 -17.22 1.81
CA ILE B 146 3.41 -16.88 2.00
C ILE B 146 2.55 -17.59 0.95
N LEU B 147 2.96 -17.53 -0.31
CA LEU B 147 2.16 -18.16 -1.36
C LEU B 147 2.19 -19.68 -1.25
N ALA B 148 3.26 -20.24 -0.67
CA ALA B 148 3.35 -21.68 -0.50
C ALA B 148 2.19 -22.21 0.34
N ASP B 149 1.91 -21.56 1.46
CA ASP B 149 0.82 -21.95 2.35
C ASP B 149 -0.51 -21.32 1.94
N ALA B 150 -0.58 -20.66 0.75
CA ALA B 150 -1.82 -19.99 0.40
C ALA B 150 -2.61 -20.78 -0.64
N PRO B 151 -3.94 -20.71 -0.58
CA PRO B 151 -4.78 -21.64 -1.35
C PRO B 151 -5.10 -21.16 -2.76
N GLU B 152 -4.73 -21.96 -3.76
CA GLU B 152 -4.98 -21.63 -5.16
C GLU B 152 -4.27 -20.35 -5.59
N SER B 153 -3.61 -19.68 -4.65
CA SER B 153 -2.94 -18.43 -4.94
C SER B 153 -1.57 -18.67 -5.56
N GLN B 154 -0.74 -19.48 -4.91
CA GLN B 154 0.48 -19.97 -5.55
C GLN B 154 0.18 -20.43 -6.97
N ASN B 155 -1.01 -20.99 -7.18
CA ASN B 155 -1.41 -21.50 -8.48
C ASN B 155 -1.81 -20.39 -9.45
N ASN B 156 -2.30 -19.26 -8.94
CA ASN B 156 -2.80 -18.19 -9.79
C ASN B 156 -1.74 -17.14 -10.15
N CYS B 157 -0.56 -17.20 -9.54
CA CYS B 157 0.45 -16.17 -9.80
C CYS B 157 1.84 -16.77 -9.68
N ARG B 158 2.81 -16.13 -10.33
CA ARG B 158 4.16 -16.64 -10.42
C ARG B 158 5.15 -15.50 -10.27
N LEU B 159 6.18 -15.71 -9.46
CA LEU B 159 7.18 -14.70 -9.15
C LEU B 159 8.40 -14.87 -10.04
N ILE B 160 8.91 -13.75 -10.56
CA ILE B 160 10.07 -13.76 -11.45
C ILE B 160 11.12 -12.81 -10.85
N ALA B 161 11.98 -13.35 -10.01
CA ALA B 161 13.09 -12.63 -9.42
C ALA B 161 14.30 -12.72 -10.33
N TYR B 162 15.08 -11.64 -10.40
CA TYR B 162 16.22 -11.63 -11.30
C TYR B 162 17.15 -10.47 -10.97
N GLN B 163 18.43 -10.66 -11.24
CA GLN B 163 19.45 -9.64 -11.00
C GLN B 163 20.12 -9.32 -12.33
N GLU B 164 20.07 -8.05 -12.73
CA GLU B 164 20.76 -7.62 -13.92
C GLU B 164 22.26 -7.56 -13.66
N PRO B 165 23.09 -7.93 -14.64
CA PRO B 165 24.55 -8.02 -14.41
C PRO B 165 25.20 -6.68 -14.12
N SER B 169 26.61 -5.26 -18.09
CA SER B 169 26.31 -5.99 -19.31
C SER B 169 24.83 -5.82 -19.67
N SER B 170 24.37 -6.56 -20.68
CA SER B 170 23.00 -6.47 -21.17
C SER B 170 22.25 -7.76 -20.88
N PHE B 171 20.94 -7.60 -20.66
CA PHE B 171 20.07 -8.64 -20.12
C PHE B 171 18.74 -8.59 -20.85
N SER B 172 18.04 -9.74 -20.92
CA SER B 172 16.76 -9.81 -21.60
C SER B 172 15.67 -10.23 -20.62
N LEU B 173 14.76 -9.31 -20.33
CA LEU B 173 13.64 -9.61 -19.46
C LEU B 173 12.55 -10.36 -20.20
N SER B 174 12.23 -9.94 -21.44
CA SER B 174 11.26 -10.67 -22.23
C SER B 174 11.63 -12.14 -22.33
N GLN B 175 12.91 -12.44 -22.47
CA GLN B 175 13.35 -13.83 -22.54
C GLN B 175 13.16 -14.54 -21.21
N GLU B 176 13.49 -13.88 -20.10
CA GLU B 176 13.32 -14.53 -18.81
C GLU B 176 11.85 -14.79 -18.52
N VAL B 177 10.96 -13.93 -19.02
CA VAL B 177 9.53 -14.12 -18.85
C VAL B 177 9.04 -15.26 -19.74
N LEU B 178 9.54 -15.30 -20.98
CA LEU B 178 9.13 -16.34 -21.91
C LEU B 178 9.58 -17.72 -21.45
N ARG B 179 10.78 -17.80 -20.87
CA ARG B 179 11.20 -19.01 -20.20
C ARG B 179 10.08 -19.53 -19.29
N HIS B 180 9.56 -18.65 -18.43
CA HIS B 180 8.54 -19.04 -17.47
C HIS B 180 7.23 -19.41 -18.15
N LEU B 181 6.80 -18.63 -19.15
CA LEU B 181 5.55 -18.95 -19.83
C LEU B 181 5.62 -20.32 -20.50
N ARG B 182 6.73 -20.59 -21.19
CA ARG B 182 6.89 -21.87 -21.87
C ARG B 182 6.94 -23.02 -20.87
N GLN B 183 7.59 -22.80 -19.73
CA GLN B 183 7.57 -23.80 -18.68
C GLN B 183 6.14 -24.04 -18.17
N GLU B 184 5.38 -22.96 -17.99
CA GLU B 184 4.01 -23.08 -17.54
C GLU B 184 3.18 -23.91 -18.50
N GLU B 185 3.32 -23.65 -19.80
CA GLU B 185 2.56 -24.42 -20.79
C GLU B 185 2.98 -25.89 -20.76
N LYS B 186 4.29 -26.15 -20.70
CA LYS B 186 4.78 -27.51 -20.55
C LYS B 186 4.06 -28.22 -19.41
N GLU B 187 3.96 -27.54 -18.25
CA GLU B 187 3.26 -28.13 -17.12
C GLU B 187 1.79 -28.38 -17.43
N GLU B 188 1.10 -27.35 -17.92
CA GLU B 188 -0.33 -27.49 -18.23
C GLU B 188 -0.59 -28.75 -19.04
N VAL B 189 0.22 -28.99 -20.09
CA VAL B 189 -0.09 -30.08 -21.01
C VAL B 189 0.36 -31.43 -20.46
N THR B 190 1.48 -31.47 -19.74
CA THR B 190 1.95 -32.77 -19.27
C THR B 190 1.03 -33.31 -18.18
N VAL B 191 1.12 -32.74 -16.99
CA VAL B 191 0.22 -33.09 -15.90
C VAL B 191 -1.08 -32.31 -16.05
C10 HG4 C . 0.95 0.56 3.48
C15 HG4 C . -0.27 1.23 3.58
C17 HG4 C . -0.29 2.13 2.55
C22 HG4 C . -2.56 4.06 0.30
C24 HG4 C . -4.04 5.60 0.12
C28 HG4 C . -5.17 6.87 -2.06
C01 HG4 C . 2.74 2.14 0.25
C05 HG4 C . 1.42 2.70 0.72
C11 HG4 C . 1.49 -0.53 4.35
C18 HG4 C . -1.30 3.14 2.14
C25 HG4 C . -5.02 6.57 0.33
C27 HG4 C . -5.58 7.21 -0.77
C30 HG4 C . -4.21 5.91 -2.29
C32 HG4 C . -3.65 5.28 -1.17
C34 HG4 C . -1.97 3.64 -2.15
C37 HG4 C . -2.77 2.49 -2.76
C40 HG4 C . -2.37 1.13 -2.21
C43 HG4 C . -3.19 -0.01 -2.77
C47 HG4 C . -1.39 -1.32 -4.00
C50 HG4 C . 0.52 -2.32 -2.90
C52 HG4 C . 1.19 -2.50 -1.59
C53 HG4 C . 2.51 -2.41 -1.21
C55 HG4 C . 2.54 -2.72 0.15
C56 HG4 C . 3.72 -2.76 1.07
C62 HG4 C . -0.93 -3.10 -0.27
C65 HG4 C . -1.59 -2.03 0.55
C70 HG4 C . -2.17 -1.31 -6.02
C71 HG4 C . -2.41 -1.46 -7.39
C73 HG4 C . -3.55 -0.89 -7.94
C74 HG4 C . -4.46 -0.19 -7.14
C76 HG4 C . -4.23 -0.04 -5.79
C78 HG4 C . -3.09 -0.60 -5.24
C79 HG4 C . -3.82 -1.05 -9.42
C84 HG4 C . -6.63 8.26 -0.56
N08 HG4 C . 0.90 1.99 1.89
N09 HG4 C . 1.67 1.01 2.46
N20 HG4 C . -1.65 3.15 0.82
N23 HG4 C . -3.33 4.83 1.04
N33 HG4 C . -2.69 4.29 -1.05
N46 HG4 C . -2.57 -0.63 -3.96
N48 HG4 C . -0.63 -1.56 -2.88
N60 HG4 C . 1.32 -2.98 0.62
N61 HG4 C . 0.50 -2.85 -0.46
N69 HG4 C . -1.12 -1.76 -5.23
N80 HG4 C . -3.51 -2.21 -9.98
N85 HG4 C . -6.38 9.22 0.32
O19 HG4 C . -1.78 3.92 2.95
O51 HG4 C . 0.98 -2.82 -3.93
O83 HG4 C . -4.32 -0.11 -10.04
O88 HG4 C . -7.69 8.21 -1.20
H16 HG4 C . -1.05 1.07 4.30
H29 HG4 C . -5.61 7.36 -2.91
H04 HG4 C . 3.10 2.75 -0.59
H03 HG4 C . 2.61 1.12 -0.07
H02 HG4 C . 3.46 2.19 1.06
H06 HG4 C . 0.69 2.63 -0.09
H07 HG4 C . 1.55 3.74 0.98
H13 HG4 C . 2.57 -0.44 4.43
H12 HG4 C . 1.26 -1.50 3.89
H14 HG4 C . 1.05 -0.47 5.33
H26 HG4 C . -5.33 6.83 1.33
H31 HG4 C . -3.90 5.65 -3.28
H35 HG4 C . -1.78 4.37 -2.92
H36 HG4 C . -1.03 3.25 -1.78
H38 HG4 C . -3.83 2.65 -2.56
H39 HG4 C . -2.61 2.49 -3.84
H41 HG4 C . -1.32 0.96 -2.43
H42 HG4 C . -2.49 1.15 -1.13
H44 HG4 C . -3.32 -0.77 -2.00
H45 HG4 C . -4.18 0.37 -3.05
H54 HG4 C . 3.34 -2.15 -1.85
H59 HG4 C . 4.63 -2.93 0.49
H58 HG4 C . 3.59 -3.56 1.79
H57 HG4 C . 3.80 -1.82 1.61
H63 HG4 C . -1.05 -4.05 0.24
H64 HG4 C . -1.42 -3.16 -1.24
H66 HG4 C . -1.11 -1.95 1.53
H67 HG4 C . -2.64 -2.29 0.69
H68 HG4 C . -1.51 -1.08 0.03
H72 HG4 C . -1.71 -2.00 -8.00
H75 HG4 C . -5.34 0.25 -7.56
H77 HG4 C . -4.93 0.51 -5.16
H21 HG4 C . -1.20 2.49 0.18
H49 HG4 C . -0.94 -1.20 -2.00
H82 HG4 C . -3.11 -2.98 -9.47
H81 HG4 C . -3.68 -2.33 -10.96
H87 HG4 C . -5.52 9.27 0.83
H86 HG4 C . -7.07 9.95 0.46
CA CA D . -12.45 0.40 18.19
CA CA E . -1.72 -33.88 -20.34
#